data_4ZAY
#
_entry.id   4ZAY
#
_cell.length_a   142.020
_cell.length_b   142.020
_cell.length_c   142.020
_cell.angle_alpha   90.00
_cell.angle_beta   90.00
_cell.angle_gamma   90.00
#
_symmetry.space_group_name_H-M   'F 2 3'
#
loop_
_entity.id
_entity.type
_entity.pdbx_description
1 polymer UbiX
2 non-polymer '1-deoxy-1-[7,8-dimethyl-5-(3-methylbut-2-en-1-yl)-2,4-dioxo-1,3,4,5-tetrahydrobenzo[g]pteridin-10(2H)-yl]-5-O-phosphono -D-ribitol'
3 non-polymer 'THIOCYANATE ION'
4 non-polymer 'POTASSIUM ION'
5 non-polymer 'PHOSPHATE ION'
6 water water
#
_entity_poly.entity_id   1
_entity_poly.type   'polypeptide(L)'
_entity_poly.pdbx_seq_one_letter_code
;MSGPERITLAMTGASGAQYGLRLLDCLVQEEREVHFLISKAAQLVMATQTDVALPAKPQAMQAFLTEYCGAAAGQIRVFG
QNDWMAPPASGSSAPNAMVICPCSTGTLSAVATGACNNLIERAADVALKERRPLVLVPREAPFSSIHLENMLKLSNLGAV
ILPAAPGFYHQPQSVEDLVDFVVARILNTLGIPQDMLPRWGEQHLVSDE
;
_entity_poly.pdbx_strand_id   A
#
loop_
_chem_comp.id
_chem_comp.type
_chem_comp.name
_chem_comp.formula
4LS non-polymer '1-deoxy-1-[7,8-dimethyl-5-(3-methylbut-2-en-1-yl)-2,4-dioxo-1,3,4,5-tetrahydrobenzo[g]pteridin-10(2H)-yl]-5-O-phosphono -D-ribitol' 'C22 H31 N4 O9 P'
K non-polymer 'POTASSIUM ION' 'K 1'
PO4 non-polymer 'PHOSPHATE ION' 'O4 P -3'
SCN non-polymer 'THIOCYANATE ION' 'C N S -1'
#
# COMPACT_ATOMS: atom_id res chain seq x y z
N MET A 1 -6.44 -6.04 -19.16
CA MET A 1 -5.39 -5.90 -18.10
C MET A 1 -5.73 -6.81 -16.90
N SER A 2 -4.71 -7.41 -16.33
CA SER A 2 -4.91 -8.27 -15.20
C SER A 2 -4.75 -7.42 -13.95
N GLY A 3 -5.57 -7.75 -12.98
CA GLY A 3 -5.64 -7.04 -11.74
C GLY A 3 -6.46 -5.79 -11.82
N PRO A 4 -6.59 -5.09 -10.69
CA PRO A 4 -7.48 -3.93 -10.60
C PRO A 4 -7.02 -2.71 -11.41
N GLU A 5 -7.98 -2.01 -11.97
N GLU A 5 -7.96 -2.07 -12.07
CA GLU A 5 -7.77 -0.69 -12.62
CA GLU A 5 -7.70 -0.82 -12.75
C GLU A 5 -7.49 0.48 -11.67
C GLU A 5 -7.27 0.22 -11.76
N ARG A 6 -8.08 0.46 -10.45
N ARG A 6 -7.88 0.20 -10.56
CA ARG A 6 -7.85 1.52 -9.50
CA ARG A 6 -7.74 1.29 -9.62
C ARG A 6 -7.44 0.93 -8.18
C ARG A 6 -7.28 0.77 -8.24
N ILE A 7 -6.36 1.50 -7.67
CA ILE A 7 -5.80 1.13 -6.32
C ILE A 7 -5.92 2.32 -5.42
N THR A 8 -6.45 2.15 -4.20
CA THR A 8 -6.30 3.16 -3.15
C THR A 8 -5.04 2.83 -2.41
N LEU A 9 -4.02 3.68 -2.48
CA LEU A 9 -2.76 3.54 -1.81
C LEU A 9 -2.68 4.50 -0.69
N ALA A 10 -2.68 4.01 0.57
CA ALA A 10 -2.58 4.77 1.76
C ALA A 10 -1.22 4.55 2.38
N MET A 11 -0.53 5.63 2.72
CA MET A 11 0.71 5.58 3.43
C MET A 11 0.50 6.10 4.84
N THR A 12 0.90 5.29 5.87
CA THR A 12 0.79 5.65 7.28
C THR A 12 2.16 5.58 7.95
N GLY A 13 2.20 5.99 9.20
CA GLY A 13 3.41 6.37 9.89
C GLY A 13 4.33 5.29 10.39
N ALA A 14 4.58 4.24 9.61
CA ALA A 14 5.61 3.28 9.93
C ALA A 14 6.88 3.62 9.15
N SER A 15 8.02 3.27 9.74
N SER A 15 7.99 3.09 9.64
CA SER A 15 9.32 3.43 9.11
CA SER A 15 9.30 3.35 9.08
C SER A 15 9.67 2.62 7.88
C SER A 15 9.64 2.55 7.87
N GLY A 16 8.98 2.81 6.77
CA GLY A 16 9.22 2.16 5.48
C GLY A 16 8.54 2.91 4.34
N ALA A 17 8.66 4.24 4.36
CA ALA A 17 8.13 5.06 3.28
C ALA A 17 8.64 4.64 1.93
N GLN A 18 9.84 4.09 1.89
CA GLN A 18 10.42 3.61 0.64
C GLN A 18 9.54 2.63 -0.16
N TYR A 19 8.86 1.73 0.60
CA TYR A 19 8.01 0.79 -0.01
C TYR A 19 6.74 1.41 -0.68
N GLY A 20 6.13 2.38 -0.02
CA GLY A 20 4.96 3.08 -0.57
C GLY A 20 5.31 3.90 -1.83
N LEU A 21 6.47 4.53 -1.78
CA LEU A 21 6.88 5.30 -2.94
C LEU A 21 7.24 4.42 -4.13
N ARG A 22 7.93 3.31 -3.90
CA ARG A 22 8.23 2.39 -4.94
C ARG A 22 6.99 1.76 -5.52
N LEU A 23 6.04 1.34 -4.63
CA LEU A 23 4.81 0.81 -5.11
C LEU A 23 4.00 1.82 -6.02
N LEU A 24 3.91 3.05 -5.60
CA LEU A 24 3.22 4.09 -6.29
C LEU A 24 3.83 4.19 -7.70
N ASP A 25 5.15 4.22 -7.74
CA ASP A 25 5.85 4.26 -9.10
C ASP A 25 5.54 3.05 -9.96
N CYS A 26 5.59 1.82 -9.44
CA CYS A 26 5.23 0.66 -10.20
C CYS A 26 3.80 0.68 -10.64
N LEU A 27 2.87 1.13 -9.77
CA LEU A 27 1.49 1.19 -10.17
C LEU A 27 1.24 2.19 -11.32
N VAL A 28 1.94 3.26 -11.27
CA VAL A 28 1.90 4.30 -12.33
C VAL A 28 2.43 3.67 -13.66
N GLN A 29 3.53 2.95 -13.60
CA GLN A 29 4.10 2.29 -14.81
C GLN A 29 3.21 1.23 -15.38
N GLU A 30 2.34 0.61 -14.55
CA GLU A 30 1.43 -0.35 -15.05
C GLU A 30 0.08 0.27 -15.44
N GLU A 31 0.03 1.58 -15.54
CA GLU A 31 -1.06 2.37 -16.11
C GLU A 31 -2.29 2.21 -15.26
N ARG A 32 -2.05 2.04 -13.94
CA ARG A 32 -3.24 2.08 -13.09
C ARG A 32 -3.58 3.42 -12.52
N GLU A 33 -4.84 3.62 -12.12
N GLU A 33 -4.85 3.58 -12.16
CA GLU A 33 -5.28 4.84 -11.47
CA GLU A 33 -5.28 4.75 -11.48
C GLU A 33 -5.15 4.66 -9.95
C GLU A 33 -4.93 4.55 -9.97
N VAL A 34 -4.48 5.62 -9.34
CA VAL A 34 -4.13 5.55 -7.84
C VAL A 34 -4.80 6.60 -7.12
N HIS A 35 -5.55 6.25 -6.05
CA HIS A 35 -6.11 7.22 -5.17
C HIS A 35 -5.22 7.27 -3.93
N PHE A 36 -4.44 8.29 -3.77
CA PHE A 36 -3.33 8.36 -2.86
C PHE A 36 -3.70 9.13 -1.62
N LEU A 37 -3.51 8.51 -0.44
CA LEU A 37 -3.80 9.08 0.87
C LEU A 37 -2.53 8.94 1.74
N ILE A 38 -2.29 9.90 2.58
CA ILE A 38 -1.16 9.89 3.48
C ILE A 38 -1.46 10.50 4.80
N SER A 39 -1.05 9.87 5.91
CA SER A 39 -1.30 10.40 7.18
C SER A 39 -0.28 11.49 7.62
N LYS A 40 -0.68 12.22 8.66
CA LYS A 40 0.22 13.22 9.23
C LYS A 40 1.52 12.60 9.68
N ALA A 41 1.48 11.47 10.40
CA ALA A 41 2.68 10.86 10.81
C ALA A 41 3.52 10.31 9.66
N ALA A 42 2.87 9.75 8.61
CA ALA A 42 3.60 9.35 7.43
C ALA A 42 4.37 10.54 6.74
N GLN A 43 3.75 11.70 6.78
CA GLN A 43 4.50 12.87 6.24
C GLN A 43 5.76 13.09 6.99
N LEU A 44 5.75 12.93 8.31
N LEU A 44 5.73 12.93 8.30
CA LEU A 44 6.98 13.07 9.11
CA LEU A 44 6.91 13.09 9.12
C LEU A 44 7.97 11.99 8.78
C LEU A 44 7.93 12.01 8.90
N VAL A 45 7.51 10.74 8.62
CA VAL A 45 8.40 9.71 8.28
C VAL A 45 9.14 10.04 6.95
N MET A 46 8.35 10.48 5.98
CA MET A 46 8.91 10.67 4.59
C MET A 46 9.95 11.86 4.64
N ALA A 47 9.64 12.81 5.47
CA ALA A 47 10.50 14.04 5.58
C ALA A 47 11.79 13.70 6.23
N THR A 48 11.79 12.79 7.19
CA THR A 48 12.98 12.38 7.95
C THR A 48 13.75 11.19 7.51
N GLN A 49 13.22 10.30 6.66
CA GLN A 49 13.86 9.07 6.31
C GLN A 49 14.05 8.91 4.83
N THR A 50 13.54 9.92 4.06
CA THR A 50 13.75 9.90 2.60
C THR A 50 14.30 11.27 2.16
N ASP A 51 14.72 11.30 0.90
N ASP A 51 14.75 11.33 0.90
CA ASP A 51 15.05 12.54 0.19
CA ASP A 51 15.06 12.64 0.27
C ASP A 51 13.96 13.00 -0.78
C ASP A 51 13.89 13.32 -0.43
N VAL A 52 12.71 12.70 -0.43
CA VAL A 52 11.55 13.20 -1.12
C VAL A 52 10.94 14.31 -0.32
N ALA A 53 10.82 15.52 -0.94
CA ALA A 53 10.24 16.66 -0.30
C ALA A 53 8.82 16.79 -0.77
N LEU A 54 7.91 16.16 -0.01
CA LEU A 54 6.57 16.09 -0.42
C LEU A 54 5.82 17.28 0.08
N PRO A 55 5.10 18.02 -0.81
CA PRO A 55 4.34 19.15 -0.36
C PRO A 55 3.24 18.76 0.58
N ALA A 56 2.76 19.68 1.41
CA ALA A 56 1.83 19.34 2.48
C ALA A 56 0.38 19.19 2.01
N LYS A 57 -0.04 20.07 1.11
CA LYS A 57 -1.46 20.18 0.75
C LYS A 57 -1.77 19.32 -0.44
N PRO A 58 -3.01 18.79 -0.49
CA PRO A 58 -3.32 17.75 -1.51
C PRO A 58 -3.08 18.16 -2.95
N GLN A 59 -3.46 19.40 -3.35
CA GLN A 59 -3.22 19.72 -4.74
C GLN A 59 -1.75 19.80 -5.13
N ALA A 60 -0.93 20.44 -4.30
CA ALA A 60 0.53 20.50 -4.54
C ALA A 60 1.20 19.11 -4.47
N MET A 61 0.69 18.29 -3.53
CA MET A 61 1.11 16.90 -3.50
C MET A 61 0.88 16.11 -4.78
N GLN A 62 -0.34 16.27 -5.34
CA GLN A 62 -0.77 15.62 -6.53
C GLN A 62 0.08 15.99 -7.73
N ALA A 63 0.35 17.29 -7.77
CA ALA A 63 1.31 17.73 -8.83
C ALA A 63 2.70 17.21 -8.68
N PHE A 64 3.22 17.24 -7.42
CA PHE A 64 4.54 16.67 -7.15
C PHE A 64 4.69 15.19 -7.49
N LEU A 65 3.68 14.34 -7.05
CA LEU A 65 3.80 12.93 -7.31
C LEU A 65 3.65 12.56 -8.79
N THR A 66 2.83 13.37 -9.47
CA THR A 66 2.58 13.16 -10.88
C THR A 66 3.94 13.35 -11.64
N GLU A 67 4.61 14.43 -11.25
CA GLU A 67 5.95 14.65 -11.76
C GLU A 67 6.94 13.55 -11.33
N TYR A 68 7.02 13.24 -10.02
CA TYR A 68 7.91 12.19 -9.52
C TYR A 68 7.78 10.89 -10.19
N CYS A 69 6.57 10.41 -10.55
CA CYS A 69 6.40 9.13 -11.19
C CYS A 69 6.25 9.09 -12.68
N GLY A 70 6.25 10.27 -13.30
CA GLY A 70 5.95 10.34 -14.71
C GLY A 70 4.53 9.94 -15.01
N ALA A 71 3.57 10.30 -14.13
CA ALA A 71 2.21 9.84 -14.35
C ALA A 71 1.50 10.67 -15.40
N ALA A 72 0.46 10.12 -15.97
CA ALA A 72 -0.49 10.88 -16.81
C ALA A 72 -1.40 11.79 -16.02
N ALA A 73 -1.98 12.77 -16.71
CA ALA A 73 -2.81 13.73 -16.01
C ALA A 73 -4.10 12.94 -15.52
N GLY A 74 -4.39 13.23 -14.26
CA GLY A 74 -5.48 12.62 -13.51
C GLY A 74 -5.22 11.18 -13.07
N GLN A 75 -4.04 10.64 -13.33
CA GLN A 75 -3.76 9.22 -13.05
C GLN A 75 -3.61 9.03 -11.49
N ILE A 76 -3.05 10.02 -10.83
CA ILE A 76 -2.91 10.00 -9.39
C ILE A 76 -3.85 11.04 -8.85
N ARG A 77 -4.80 10.60 -8.05
N ARG A 77 -4.70 10.65 -7.92
CA ARG A 77 -5.58 11.52 -7.26
CA ARG A 77 -5.71 11.52 -7.31
C ARG A 77 -4.98 11.56 -5.83
C ARG A 77 -5.48 11.53 -5.77
N VAL A 78 -5.11 12.68 -5.18
CA VAL A 78 -4.74 12.83 -3.80
C VAL A 78 -5.90 13.32 -3.04
N PHE A 79 -6.26 12.65 -1.92
CA PHE A 79 -7.31 13.06 -1.04
C PHE A 79 -6.81 13.30 0.38
N GLY A 80 -7.31 14.34 1.03
CA GLY A 80 -6.91 14.65 2.37
C GLY A 80 -7.59 13.71 3.41
N GLN A 81 -7.19 13.84 4.67
CA GLN A 81 -7.57 12.91 5.75
C GLN A 81 -8.99 13.06 6.22
N ASN A 82 -9.70 14.15 5.87
CA ASN A 82 -11.10 14.32 6.19
C ASN A 82 -11.95 14.58 5.00
N ASP A 83 -11.48 14.15 3.84
CA ASP A 83 -12.23 14.43 2.61
C ASP A 83 -13.24 13.32 2.34
N TRP A 84 -14.36 13.40 3.04
CA TRP A 84 -15.44 12.46 2.89
C TRP A 84 -16.13 12.48 1.57
N MET A 85 -15.86 13.52 0.77
N MET A 85 -15.96 13.52 0.77
CA MET A 85 -16.31 13.60 -0.63
CA MET A 85 -16.55 13.46 -0.55
C MET A 85 -15.61 12.66 -1.59
C MET A 85 -15.66 12.68 -1.59
N ALA A 86 -14.48 12.14 -1.16
CA ALA A 86 -13.69 11.28 -2.00
C ALA A 86 -14.22 9.85 -2.16
N PRO A 87 -14.01 9.21 -3.28
CA PRO A 87 -14.55 7.84 -3.50
C PRO A 87 -14.36 6.82 -2.35
N PRO A 88 -13.19 6.83 -1.70
CA PRO A 88 -13.04 5.67 -0.73
C PRO A 88 -13.89 5.74 0.45
N ALA A 89 -14.61 6.83 0.74
CA ALA A 89 -15.45 6.97 1.88
C ALA A 89 -16.76 6.20 1.85
N SER A 90 -17.18 5.74 0.66
CA SER A 90 -18.44 5.11 0.45
C SER A 90 -18.27 3.85 -0.36
N GLY A 91 -18.99 2.80 0.05
CA GLY A 91 -19.05 1.63 -0.74
C GLY A 91 -19.77 1.73 -2.07
N SER A 92 -20.41 2.89 -2.28
CA SER A 92 -21.07 3.08 -3.57
C SER A 92 -20.07 3.60 -4.60
N SER A 93 -18.84 3.83 -4.20
CA SER A 93 -17.78 4.11 -5.12
C SER A 93 -17.51 3.00 -6.15
N ALA A 94 -16.80 3.36 -7.22
CA ALA A 94 -16.29 2.37 -8.12
C ALA A 94 -15.33 1.40 -7.35
N PRO A 95 -15.32 0.14 -7.81
CA PRO A 95 -14.46 -0.90 -7.17
C PRO A 95 -12.94 -0.51 -7.27
N ASN A 96 -12.27 -0.34 -6.09
N ASN A 96 -12.15 -1.07 -6.38
CA ASN A 96 -10.82 -0.24 -5.99
CA ASN A 96 -10.81 -0.71 -6.32
C ASN A 96 -10.27 -1.53 -5.21
C ASN A 96 -10.20 -1.46 -5.12
N ALA A 97 -8.99 -1.82 -5.35
CA ALA A 97 -8.20 -2.58 -4.34
C ALA A 97 -7.54 -1.58 -3.45
N MET A 98 -7.38 -1.86 -2.15
CA MET A 98 -6.71 -0.96 -1.24
C MET A 98 -5.49 -1.59 -0.63
N VAL A 99 -4.40 -0.80 -0.59
CA VAL A 99 -3.15 -1.19 0.04
C VAL A 99 -2.74 -0.11 0.98
N ILE A 100 -2.42 -0.52 2.24
CA ILE A 100 -1.88 0.38 3.23
C ILE A 100 -0.41 0.03 3.41
N CYS A 101 0.47 0.86 2.80
CA CYS A 101 1.88 0.53 2.64
C CYS A 101 2.77 1.75 2.90
N PRO A 102 3.46 1.88 4.02
CA PRO A 102 3.41 0.95 5.16
C PRO A 102 2.21 1.25 6.06
N CYS A 103 1.88 0.20 6.84
CA CYS A 103 0.72 0.25 7.76
C CYS A 103 1.26 0.35 9.22
N SER A 104 1.12 1.49 9.86
CA SER A 104 1.53 1.61 11.23
C SER A 104 0.72 0.65 12.14
N THR A 105 1.20 0.42 13.35
CA THR A 105 0.43 -0.37 14.30
C THR A 105 -0.82 0.37 14.69
N GLY A 106 -0.85 1.73 14.72
CA GLY A 106 -2.06 2.45 15.00
C GLY A 106 -3.08 2.31 13.94
N THR A 107 -2.70 2.30 12.62
CA THR A 107 -3.68 2.17 11.57
C THR A 107 -4.21 0.70 11.58
N LEU A 108 -3.30 -0.24 11.78
CA LEU A 108 -3.69 -1.65 11.90
C LEU A 108 -4.75 -1.80 12.99
N SER A 109 -4.55 -1.19 14.15
CA SER A 109 -5.52 -1.18 15.24
C SER A 109 -6.88 -0.62 14.82
N ALA A 110 -6.82 0.56 14.21
CA ALA A 110 -8.06 1.20 13.79
C ALA A 110 -8.82 0.38 12.81
N VAL A 111 -8.14 -0.26 11.83
CA VAL A 111 -8.84 -1.12 10.84
C VAL A 111 -9.44 -2.34 11.54
N ALA A 112 -8.70 -2.94 12.45
CA ALA A 112 -9.21 -4.09 13.15
C ALA A 112 -10.43 -3.78 14.02
N THR A 113 -10.48 -2.62 14.63
CA THR A 113 -11.56 -2.27 15.51
C THR A 113 -12.68 -1.52 14.84
N GLY A 114 -12.47 -1.05 13.60
CA GLY A 114 -13.45 -0.20 12.90
C GLY A 114 -13.52 1.25 13.28
N ALA A 115 -12.42 1.76 13.82
CA ALA A 115 -12.41 3.19 14.35
C ALA A 115 -12.79 4.31 13.30
N CYS A 116 -12.41 4.10 12.10
CA CYS A 116 -12.85 5.17 11.09
C CYS A 116 -12.57 6.63 11.56
N ASN A 117 -11.36 6.88 12.05
N ASN A 117 -11.39 6.99 12.04
CA ASN A 117 -10.95 8.18 12.61
CA ASN A 117 -11.16 8.38 12.49
C ASN A 117 -10.77 9.19 11.43
C ASN A 117 -10.44 9.24 11.49
N ASN A 118 -10.30 8.71 10.29
CA ASN A 118 -9.86 9.52 9.13
C ASN A 118 -10.17 8.76 7.88
N LEU A 119 -9.90 9.35 6.72
CA LEU A 119 -10.26 8.72 5.46
C LEU A 119 -9.55 7.42 5.14
N ILE A 120 -8.31 7.28 5.60
CA ILE A 120 -7.62 5.98 5.43
C ILE A 120 -8.40 4.87 6.18
N GLU A 121 -8.70 5.13 7.44
CA GLU A 121 -9.36 4.10 8.23
C GLU A 121 -10.75 3.83 7.71
N ARG A 122 -11.54 4.84 7.38
CA ARG A 122 -12.82 4.60 6.77
C ARG A 122 -12.71 3.89 5.45
N ALA A 123 -11.71 4.20 4.60
CA ALA A 123 -11.53 3.56 3.30
C ALA A 123 -11.34 2.03 3.53
N ALA A 124 -10.55 1.69 4.55
CA ALA A 124 -10.34 0.27 4.78
C ALA A 124 -11.59 -0.38 5.34
N ASP A 125 -12.35 0.32 6.19
CA ASP A 125 -13.66 -0.16 6.69
C ASP A 125 -14.60 -0.46 5.55
N VAL A 126 -14.57 0.41 4.56
CA VAL A 126 -15.38 0.20 3.37
C VAL A 126 -14.90 -0.97 2.49
N ALA A 127 -13.60 -1.11 2.30
CA ALA A 127 -13.07 -2.25 1.57
C ALA A 127 -13.56 -3.56 2.15
N LEU A 128 -13.47 -3.63 3.49
CA LEU A 128 -13.92 -4.83 4.17
C LEU A 128 -15.39 -5.13 3.99
N LYS A 129 -16.23 -4.09 4.16
CA LYS A 129 -17.66 -4.34 4.05
C LYS A 129 -18.09 -4.67 2.64
N GLU A 130 -17.32 -4.16 1.66
CA GLU A 130 -17.62 -4.46 0.29
C GLU A 130 -16.93 -5.70 -0.25
N ARG A 131 -16.06 -6.36 0.51
N ARG A 131 -16.12 -6.35 0.57
CA ARG A 131 -15.32 -7.55 0.09
CA ARG A 131 -15.28 -7.45 0.20
C ARG A 131 -14.33 -7.23 -1.04
C ARG A 131 -14.51 -7.14 -1.06
N ARG A 132 -13.84 -6.01 -0.97
CA ARG A 132 -12.82 -5.59 -1.90
C ARG A 132 -11.44 -5.85 -1.35
N PRO A 133 -10.44 -6.05 -2.17
CA PRO A 133 -9.10 -6.39 -1.69
C PRO A 133 -8.54 -5.36 -0.75
N LEU A 134 -7.94 -5.86 0.37
CA LEU A 134 -7.34 -4.98 1.36
C LEU A 134 -6.00 -5.62 1.78
N VAL A 135 -4.91 -4.95 1.52
CA VAL A 135 -3.58 -5.45 1.82
C VAL A 135 -2.94 -4.49 2.78
N LEU A 136 -2.45 -5.00 3.92
N LEU A 136 -2.43 -5.01 3.90
CA LEU A 136 -1.77 -4.19 4.95
CA LEU A 136 -1.77 -4.21 4.95
C LEU A 136 -0.32 -4.63 5.01
C LEU A 136 -0.33 -4.62 5.07
N VAL A 137 0.57 -3.65 5.07
CA VAL A 137 2.02 -3.90 5.04
C VAL A 137 2.62 -3.33 6.31
N PRO A 138 2.54 -4.06 7.45
CA PRO A 138 3.10 -3.54 8.71
C PRO A 138 4.65 -3.56 8.65
N ARG A 139 5.23 -2.66 9.41
N ARG A 139 5.20 -2.69 9.47
CA ARG A 139 6.71 -2.66 9.62
CA ARG A 139 6.66 -2.55 9.65
C ARG A 139 6.92 -2.30 11.05
C ARG A 139 6.91 -2.27 11.09
N GLU A 140 7.15 -3.32 11.88
CA GLU A 140 7.34 -3.14 13.32
C GLU A 140 8.11 -4.36 13.77
N ALA A 141 8.84 -4.28 14.89
CA ALA A 141 9.49 -5.44 15.48
C ALA A 141 9.92 -5.07 16.88
N PRO A 142 9.68 -5.91 17.89
CA PRO A 142 8.79 -7.10 17.83
C PRO A 142 7.39 -6.72 17.46
N PHE A 143 6.63 -7.74 17.07
CA PHE A 143 5.18 -7.64 17.03
C PHE A 143 4.65 -8.07 18.39
N SER A 144 3.92 -7.27 19.14
CA SER A 144 3.31 -7.71 20.36
C SER A 144 2.04 -8.52 20.10
N SER A 145 1.50 -9.13 21.19
CA SER A 145 0.28 -9.80 21.01
C SER A 145 -0.90 -8.87 20.61
N ILE A 146 -0.82 -7.59 20.98
N ILE A 146 -0.85 -7.60 20.96
CA ILE A 146 -1.84 -6.65 20.49
CA ILE A 146 -1.90 -6.67 20.48
C ILE A 146 -1.81 -6.57 18.98
C ILE A 146 -1.82 -6.56 18.95
N HIS A 147 -0.60 -6.39 18.47
CA HIS A 147 -0.42 -6.35 16.99
C HIS A 147 -0.88 -7.62 16.30
N LEU A 148 -0.48 -8.75 16.90
CA LEU A 148 -0.77 -10.04 16.28
C LEU A 148 -2.27 -10.37 16.30
N GLU A 149 -2.95 -10.05 17.37
CA GLU A 149 -4.40 -10.23 17.44
C GLU A 149 -5.10 -9.39 16.38
N ASN A 150 -4.68 -8.14 16.18
CA ASN A 150 -5.34 -7.27 15.21
C ASN A 150 -5.09 -7.83 13.79
N MET A 151 -3.86 -8.31 13.53
CA MET A 151 -3.55 -8.90 12.25
C MET A 151 -4.32 -10.18 12.00
N LEU A 152 -4.45 -11.01 13.02
CA LEU A 152 -5.18 -12.25 12.85
C LEU A 152 -6.65 -12.01 12.58
N LYS A 153 -7.27 -11.09 13.32
CA LYS A 153 -8.73 -10.80 13.10
C LYS A 153 -8.92 -10.39 11.64
N LEU A 154 -8.04 -9.50 11.16
CA LEU A 154 -8.20 -9.01 9.82
C LEU A 154 -7.89 -10.03 8.74
N SER A 155 -6.87 -10.86 8.96
CA SER A 155 -6.57 -11.99 8.09
C SER A 155 -7.72 -12.97 7.98
N ASN A 156 -8.35 -13.27 9.14
CA ASN A 156 -9.48 -14.21 9.14
C ASN A 156 -10.66 -13.66 8.38
N LEU A 157 -10.83 -12.36 8.32
N LEU A 157 -10.74 -12.37 8.24
CA LEU A 157 -11.90 -11.76 7.52
CA LEU A 157 -11.82 -11.67 7.53
C LEU A 157 -11.60 -11.85 6.02
C LEU A 157 -11.44 -11.29 6.09
N GLY A 158 -10.30 -11.81 5.64
CA GLY A 158 -9.91 -11.85 4.27
C GLY A 158 -8.90 -10.79 3.88
N ALA A 159 -8.53 -9.86 4.73
CA ALA A 159 -7.44 -8.98 4.45
C ALA A 159 -6.14 -9.73 4.31
N VAL A 160 -5.21 -9.20 3.54
CA VAL A 160 -3.87 -9.82 3.41
C VAL A 160 -2.88 -9.09 4.23
N ILE A 161 -2.27 -9.77 5.18
CA ILE A 161 -1.25 -9.20 6.07
C ILE A 161 0.12 -9.52 5.44
N LEU A 162 0.78 -8.54 4.88
CA LEU A 162 2.00 -8.71 4.12
C LEU A 162 3.08 -7.87 4.76
N PRO A 163 3.83 -8.47 5.70
N PRO A 163 3.74 -8.39 5.79
CA PRO A 163 4.86 -7.75 6.46
CA PRO A 163 4.68 -7.51 6.41
C PRO A 163 6.00 -7.29 5.57
C PRO A 163 5.86 -7.18 5.50
N ALA A 164 6.52 -6.10 5.85
CA ALA A 164 7.72 -5.62 5.13
C ALA A 164 8.96 -6.42 5.52
N ALA A 165 8.97 -7.69 5.08
CA ALA A 165 9.94 -8.66 5.52
C ALA A 165 10.54 -9.28 4.26
N PRO A 166 11.48 -8.56 3.64
N PRO A 166 11.51 -8.52 3.64
CA PRO A 166 11.87 -9.06 2.31
CA PRO A 166 12.16 -9.01 2.41
C PRO A 166 12.73 -10.32 2.45
C PRO A 166 12.77 -10.41 2.50
N GLY A 167 12.74 -11.19 1.41
CA GLY A 167 13.54 -12.41 1.36
C GLY A 167 14.86 -12.16 0.58
N PHE A 168 15.72 -13.13 0.69
CA PHE A 168 17.07 -13.06 0.11
C PHE A 168 17.30 -14.05 -1.03
N TYR A 169 16.25 -14.60 -1.57
CA TYR A 169 16.37 -15.64 -2.60
C TYR A 169 16.57 -15.13 -3.99
N HIS A 170 16.53 -13.85 -4.24
CA HIS A 170 16.84 -13.44 -5.64
C HIS A 170 18.17 -12.60 -5.59
N GLN A 171 19.12 -12.98 -4.75
N GLN A 171 18.97 -12.94 -4.58
CA GLN A 171 20.45 -12.31 -4.81
CA GLN A 171 20.37 -12.50 -4.40
C GLN A 171 20.38 -10.78 -4.67
C GLN A 171 20.53 -10.96 -4.44
N PRO A 172 19.82 -10.26 -3.53
CA PRO A 172 19.75 -8.84 -3.45
C PRO A 172 21.13 -8.22 -3.21
N GLN A 173 21.39 -7.13 -3.91
CA GLN A 173 22.67 -6.40 -3.78
C GLN A 173 22.57 -5.07 -3.21
N SER A 174 21.37 -4.50 -3.10
CA SER A 174 21.17 -3.17 -2.61
C SER A 174 19.89 -3.03 -1.77
N VAL A 175 19.80 -1.90 -1.12
CA VAL A 175 18.56 -1.52 -0.38
C VAL A 175 17.40 -1.55 -1.33
N GLU A 176 17.60 -1.04 -2.55
CA GLU A 176 16.52 -1.02 -3.54
C GLU A 176 16.02 -2.41 -3.97
N ASP A 177 16.90 -3.39 -4.07
CA ASP A 177 16.54 -4.76 -4.40
C ASP A 177 15.61 -5.31 -3.26
N LEU A 178 15.91 -4.97 -1.99
CA LEU A 178 15.03 -5.43 -0.85
C LEU A 178 13.70 -4.71 -0.90
N VAL A 179 13.67 -3.45 -1.22
CA VAL A 179 12.42 -2.71 -1.35
C VAL A 179 11.66 -3.31 -2.49
N ASP A 180 12.29 -3.51 -3.63
CA ASP A 180 11.57 -4.13 -4.73
C ASP A 180 10.99 -5.53 -4.49
N PHE A 181 11.65 -6.34 -3.65
CA PHE A 181 11.15 -7.67 -3.33
C PHE A 181 9.72 -7.49 -2.68
N VAL A 182 9.65 -6.65 -1.71
CA VAL A 182 8.34 -6.45 -1.00
C VAL A 182 7.30 -5.89 -1.97
N VAL A 183 7.68 -4.88 -2.78
CA VAL A 183 6.75 -4.35 -3.72
C VAL A 183 6.26 -5.38 -4.72
N ALA A 184 7.19 -6.24 -5.20
CA ALA A 184 6.84 -7.33 -6.11
C ALA A 184 5.80 -8.30 -5.50
N ARG A 185 5.97 -8.55 -4.19
CA ARG A 185 4.97 -9.40 -3.49
C ARG A 185 3.65 -8.74 -3.37
N ILE A 186 3.59 -7.45 -3.12
CA ILE A 186 2.35 -6.73 -3.13
C ILE A 186 1.66 -6.80 -4.47
N LEU A 187 2.42 -6.53 -5.53
CA LEU A 187 1.81 -6.56 -6.83
C LEU A 187 1.32 -7.98 -7.20
N ASN A 188 2.04 -9.03 -6.82
N ASN A 188 2.05 -9.05 -6.81
CA ASN A 188 1.60 -10.39 -7.01
CA ASN A 188 1.61 -10.42 -6.95
C ASN A 188 0.26 -10.64 -6.25
C ASN A 188 0.23 -10.55 -6.26
N THR A 189 0.17 -10.11 -5.01
CA THR A 189 -1.08 -10.27 -4.23
C THR A 189 -2.25 -9.62 -4.91
N LEU A 190 -1.99 -8.47 -5.53
CA LEU A 190 -3.03 -7.69 -6.24
C LEU A 190 -3.39 -8.27 -7.59
N GLY A 191 -2.52 -9.10 -8.11
CA GLY A 191 -2.73 -9.71 -9.45
C GLY A 191 -2.19 -8.81 -10.58
N ILE A 192 -1.27 -7.90 -10.29
CA ILE A 192 -0.75 -6.88 -11.23
C ILE A 192 0.63 -7.37 -11.68
N PRO A 193 0.89 -7.29 -13.01
CA PRO A 193 2.19 -7.78 -13.53
C PRO A 193 3.36 -7.12 -12.98
N GLN A 194 4.42 -7.93 -12.74
CA GLN A 194 5.69 -7.34 -12.26
C GLN A 194 6.81 -8.21 -12.76
N ASP A 195 7.94 -7.56 -13.01
CA ASP A 195 9.13 -8.32 -13.46
C ASP A 195 10.35 -8.11 -12.58
N MET A 196 10.14 -7.70 -11.34
CA MET A 196 11.23 -7.51 -10.41
C MET A 196 11.59 -8.83 -9.75
N LEU A 197 10.58 -9.69 -9.51
CA LEU A 197 10.85 -10.99 -8.88
C LEU A 197 10.33 -12.11 -9.77
N PRO A 198 11.24 -12.99 -10.26
CA PRO A 198 10.88 -14.08 -11.16
C PRO A 198 9.86 -14.99 -10.50
N ARG A 199 9.21 -15.78 -11.34
CA ARG A 199 8.34 -16.86 -10.81
C ARG A 199 9.15 -18.04 -10.36
N TRP A 200 9.20 -18.32 -9.03
CA TRP A 200 9.97 -19.39 -8.53
C TRP A 200 9.76 -20.73 -9.17
N GLY A 201 10.86 -21.38 -9.63
CA GLY A 201 10.76 -22.73 -10.17
C GLY A 201 10.09 -22.89 -11.53
N GLU A 202 9.78 -21.77 -12.20
N GLU A 202 9.78 -21.79 -12.24
CA GLU A 202 9.02 -21.77 -13.45
CA GLU A 202 8.95 -21.87 -13.42
C GLU A 202 9.77 -22.66 -14.44
C GLU A 202 9.54 -22.76 -14.51
N GLN A 203 11.10 -22.67 -14.39
N GLN A 203 10.87 -22.85 -14.52
CA GLN A 203 11.86 -23.55 -15.33
CA GLN A 203 11.58 -23.71 -15.50
C GLN A 203 12.04 -25.02 -14.96
C GLN A 203 12.28 -24.93 -14.85
N HIS A 204 11.80 -25.31 -13.66
CA HIS A 204 12.16 -26.60 -13.03
C HIS A 204 11.06 -27.67 -13.42
N LEU A 205 11.32 -28.67 -14.29
CA LEU A 205 10.28 -29.66 -14.71
C LEU A 205 10.21 -30.92 -13.84
N VAL A 206 11.36 -31.25 -13.25
CA VAL A 206 11.42 -32.46 -12.42
C VAL A 206 12.58 -32.45 -11.47
N SER A 207 12.37 -33.16 -10.34
CA SER A 207 13.38 -33.85 -9.47
C SER A 207 12.85 -33.81 -8.00
C4A 4LS B . 11.30 -19.73 3.08
CAA 4LS B . 12.25 -19.54 -2.81
CAC 4LS B . 14.95 -24.50 0.91
CAD 4LS B . 15.82 -21.89 -0.37
OAL 4LS B . 11.92 -25.44 9.91
PBK 4LS B . 12.93 -26.23 9.03
OAM 4LS B . 13.35 -27.54 9.72
OAH 4LS B . 14.06 -25.42 8.55
OAV 4LS B . 12.04 -26.76 7.87
CAR 4LS B . 11.44 -25.80 6.96
CBF 4LS B . 10.95 -26.41 5.74
OAI 4LS B . 10.34 -27.64 5.80
CBH 4LS B . 10.35 -25.41 4.84
OAK 4LS B . 8.94 -25.34 4.91
CBG 4LS B . 11.01 -24.21 4.50
OAJ 4LS B . 12.46 -24.25 4.55
CAS 4LS B . 10.51 -23.38 3.34
N10 4LS B . 11.15 -22.13 2.98
C9A 4LS B . 12.29 -22.13 2.10
C9 4LS B . 13.04 -23.31 1.88
C8 4LS B . 14.21 -23.22 1.08
C7 4LS B . 14.58 -22.02 0.54
C6 4LS B . 13.87 -20.86 0.78
C5A 4LS B . 12.70 -20.93 1.63
N5 4LS B . 12.06 -19.71 1.81
CAQ 4LS B . 10.90 -19.58 0.82
CAN 4LS B . 11.40 -19.22 -0.52
CAW 4LS B . 11.60 -20.15 -1.61
CAB 4LS B . 11.26 -21.63 -1.63
C11 4LS B . 10.82 -20.95 3.51
N1 4LS B . 10.07 -20.94 4.70
C2 4LS B . 9.76 -19.78 5.28
O2 4LS B . 9.10 -19.78 6.41
N3 4LS B . 10.26 -18.58 4.85
C4 4LS B . 11.06 -18.50 3.66
O4 4LS B . 11.53 -17.37 3.40
S SCN C . -10.87 -4.31 -7.25
C SCN C . -12.14 -4.58 -6.65
N SCN C . -13.20 -4.81 -6.17
S SCN D . 15.62 -9.11 -4.42
C SCN D . 14.52 -8.29 -5.20
N SCN D . 13.71 -7.69 -5.77
S SCN E . 14.14 -15.73 -7.52
C SCN E . 14.09 -16.72 -8.66
N SCN E . 14.05 -17.49 -9.58
K K F . -4.33 12.18 10.48
P PO4 G . 8.04 -17.26 -0.11
O1 PO4 G . 8.19 -17.36 1.40
O2 PO4 G . 8.57 -15.88 -0.22
O3 PO4 G . 6.59 -17.28 -0.48
O4 PO4 G . 8.91 -18.20 -0.90
#